data_9JOC
#
_entry.id   9JOC
#
_cell.length_a   84.449
_cell.length_b   84.449
_cell.length_c   93.114
_cell.angle_alpha   90.00
_cell.angle_beta   90.00
_cell.angle_gamma   120.00
#
_symmetry.space_group_name_H-M   'P 63'
#
loop_
_entity.id
_entity.type
_entity.pdbx_description
1 polymer endo-1.3-fucanase
2 water water
#
_entity_poly.entity_id   1
_entity_poly.type   'polypeptide(L)'
_entity_poly.pdbx_seq_one_letter_code
;STKNGIIELEQETEEELEQNQEIDYSNYPEFSWDTMPLYMHVRKNTAYTDEEINYLASFPLITLEKSQAQNTYGSTEEGT
LATASAIKLKNNKAKVLYYRNVVINWGNYKNDDEFISKNPSALLKNQNNELVYMPNGSTPFFDITKSFVQEYWLKSVEDM
VATPNIDGTFIDANIKVLVPSFFSSKVGVNKQAEIENSYFSMMSRLKESLSNNLILANIIRVRPEFEENGLEYLGYFNGS
YLEGFDSEAFGMSNAEYLVEGIEATQKAAQSGKIITMTLGLGEAIDNNTGIDDQREDVDLNDEELNKRVDYLLAIFLICA
EKYSYVYLHDGYLATNSAVWLHQFDQYKKALGAPLGKAIKNGYIYTRKFENLDVWLNLETQTATLTWKE
;
_entity_poly.pdbx_strand_id   A
#
# COMPACT_ATOMS: atom_id res chain seq x y z
N ILE A 23 -6.82 -21.71 -1.17
CA ILE A 23 -6.29 -20.61 -0.35
C ILE A 23 -6.80 -20.73 1.08
N ASP A 24 -5.88 -20.54 2.02
CA ASP A 24 -6.20 -20.43 3.43
C ASP A 24 -6.62 -19.01 3.77
N TYR A 25 -7.86 -18.84 4.22
CA TYR A 25 -8.40 -17.53 4.57
C TYR A 25 -8.48 -17.28 6.07
N SER A 26 -7.93 -18.19 6.89
CA SER A 26 -8.18 -18.12 8.34
C SER A 26 -7.63 -16.84 8.99
N ASN A 27 -6.57 -16.25 8.45
CA ASN A 27 -5.95 -15.08 9.05
C ASN A 27 -6.37 -13.77 8.38
N TYR A 28 -7.33 -13.84 7.47
CA TYR A 28 -7.71 -12.70 6.69
C TYR A 28 -8.57 -11.74 7.53
N PRO A 29 -8.65 -10.50 7.11
CA PRO A 29 -9.49 -9.51 7.80
C PRO A 29 -10.98 -9.79 7.59
N GLU A 30 -11.79 -9.14 8.43
CA GLU A 30 -13.23 -9.17 8.21
C GLU A 30 -13.52 -8.54 6.86
N PHE A 31 -14.60 -9.00 6.24
CA PHE A 31 -15.03 -8.44 4.97
C PHE A 31 -16.55 -8.57 4.86
N SER A 32 -17.18 -7.49 4.41
CA SER A 32 -18.59 -7.49 4.10
C SER A 32 -18.83 -6.60 2.90
N TRP A 33 -19.76 -7.03 2.06
CA TRP A 33 -20.26 -6.19 0.96
C TRP A 33 -21.37 -5.23 1.40
N ASP A 34 -21.78 -5.26 2.67
CA ASP A 34 -22.96 -4.51 3.06
C ASP A 34 -22.83 -3.03 2.74
N THR A 35 -21.65 -2.45 3.00
CA THR A 35 -21.29 -1.09 2.63
C THR A 35 -19.85 -1.12 2.13
N MET A 36 -19.35 0.01 1.66
CA MET A 36 -18.01 0.06 1.07
C MET A 36 -16.95 -0.61 1.95
N PRO A 37 -16.17 -1.55 1.42
CA PRO A 37 -15.05 -2.12 2.20
C PRO A 37 -13.87 -1.17 2.19
N LEU A 38 -13.45 -0.71 3.37
CA LEU A 38 -12.48 0.38 3.51
C LEU A 38 -11.15 -0.08 4.08
N TYR A 39 -10.08 0.55 3.58
CA TYR A 39 -8.69 0.32 4.04
C TYR A 39 -8.21 1.64 4.67
N MET A 40 -7.35 1.55 5.66
CA MET A 40 -6.73 2.73 6.28
C MET A 40 -5.23 2.55 6.22
N HIS A 41 -4.48 3.59 5.89
CA HIS A 41 -3.01 3.57 5.70
C HIS A 41 -2.59 4.93 6.20
N VAL A 42 -1.92 4.98 7.34
CA VAL A 42 -1.80 6.29 8.03
C VAL A 42 -0.62 6.41 8.96
N ARG A 43 -0.20 7.64 9.17
CA ARG A 43 0.83 7.93 10.17
C ARG A 43 0.46 9.27 10.79
N LYS A 44 1.07 9.61 11.88
CA LYS A 44 0.88 10.83 12.64
C LYS A 44 2.17 11.05 13.41
N ASN A 45 2.57 12.31 13.59
CA ASN A 45 3.84 12.55 14.29
C ASN A 45 3.72 12.36 15.79
N THR A 46 2.51 12.39 16.33
CA THR A 46 2.26 12.23 17.76
C THR A 46 1.21 11.15 17.94
N ALA A 47 0.93 10.79 19.19
CA ALA A 47 -0.04 9.74 19.46
C ALA A 47 -1.43 10.12 18.94
N TYR A 48 -2.20 9.10 18.55
CA TYR A 48 -3.59 9.31 18.18
C TYR A 48 -4.42 9.64 19.42
N THR A 49 -5.44 10.50 19.26
CA THR A 49 -6.38 10.75 20.34
C THR A 49 -7.30 9.54 20.51
N ASP A 50 -8.06 9.52 21.60
CA ASP A 50 -9.04 8.45 21.78
C ASP A 50 -10.04 8.41 20.62
N GLU A 51 -10.52 9.58 20.19
CA GLU A 51 -11.43 9.64 19.04
C GLU A 51 -10.78 9.06 17.79
N GLU A 52 -9.50 9.37 17.57
CA GLU A 52 -8.78 8.84 16.41
C GLU A 52 -8.60 7.34 16.51
N ILE A 53 -8.30 6.82 17.69
CA ILE A 53 -8.21 5.37 17.86
C ILE A 53 -9.55 4.70 17.56
N ASN A 54 -10.65 5.29 18.03
CA ASN A 54 -11.96 4.73 17.70
C ASN A 54 -12.19 4.71 16.20
N TYR A 55 -11.78 5.78 15.51
CA TYR A 55 -11.90 5.83 14.06
C TYR A 55 -11.07 4.72 13.42
N LEU A 56 -9.80 4.59 13.81
CA LEU A 56 -8.97 3.54 13.25
C LEU A 56 -9.59 2.16 13.45
N ALA A 57 -10.08 1.89 14.65
CA ALA A 57 -10.62 0.57 14.99
C ALA A 57 -11.86 0.22 14.20
N SER A 58 -12.47 1.19 13.52
CA SER A 58 -13.64 0.93 12.69
C SER A 58 -13.29 0.38 11.31
N PHE A 59 -12.02 0.36 10.92
CA PHE A 59 -11.56 -0.18 9.65
C PHE A 59 -11.19 -1.66 9.79
N PRO A 60 -11.50 -2.49 8.80
CA PRO A 60 -11.15 -3.92 8.92
C PRO A 60 -9.66 -4.17 8.77
N LEU A 61 -8.94 -3.29 8.09
CA LEU A 61 -7.54 -3.51 7.78
C LEU A 61 -6.87 -2.15 7.80
N ILE A 62 -5.81 -2.05 8.59
CA ILE A 62 -5.09 -0.81 8.87
C ILE A 62 -3.61 -1.09 8.71
N THR A 63 -2.92 -0.29 7.91
CA THR A 63 -1.47 -0.28 7.88
C THR A 63 -0.96 0.95 8.59
N LEU A 64 -0.08 0.72 9.58
CA LEU A 64 0.60 1.80 10.27
C LEU A 64 1.90 2.10 9.52
N GLU A 65 1.94 3.27 8.88
CA GLU A 65 3.05 3.70 8.07
C GLU A 65 4.30 3.98 8.90
N LYS A 66 5.39 4.32 8.19
CA LYS A 66 6.66 4.73 8.79
C LYS A 66 6.46 5.99 9.60
N SER A 67 7.45 6.32 10.44
CA SER A 67 7.44 7.49 11.30
C SER A 67 6.11 7.56 12.03
N GLN A 68 5.89 6.55 12.87
CA GLN A 68 4.61 6.33 13.52
C GLN A 68 4.62 6.87 14.94
N ALA A 69 4.03 8.05 15.12
CA ALA A 69 3.90 8.70 16.43
C ALA A 69 5.25 8.87 17.11
N GLN A 70 6.28 9.11 16.29
CA GLN A 70 7.64 9.08 16.81
C GLN A 70 7.94 10.25 17.72
N ASN A 71 7.29 11.40 17.54
CA ASN A 71 7.58 12.52 18.43
C ASN A 71 7.00 12.32 19.83
N THR A 72 6.02 11.42 19.99
CA THR A 72 5.48 11.08 21.30
C THR A 72 6.20 9.90 21.95
N TYR A 73 6.49 8.85 21.18
CA TYR A 73 7.02 7.62 21.74
C TYR A 73 8.52 7.47 21.55
N GLY A 74 9.13 8.34 20.76
CA GLY A 74 10.56 8.32 20.55
C GLY A 74 11.04 7.53 19.36
N SER A 75 10.17 6.71 18.77
CA SER A 75 10.56 5.83 17.68
C SER A 75 9.30 5.27 17.05
N THR A 76 9.45 4.84 15.81
CA THR A 76 8.36 4.15 15.11
C THR A 76 8.05 2.82 15.77
N GLU A 77 9.05 2.11 16.26
CA GLU A 77 8.76 0.80 16.85
C GLU A 77 7.85 0.96 18.05
N GLU A 78 8.17 1.91 18.93
CA GLU A 78 7.33 2.10 20.11
C GLU A 78 5.99 2.74 19.77
N GLY A 79 5.97 3.67 18.82
CA GLY A 79 4.69 4.27 18.45
C GLY A 79 3.75 3.28 17.80
N THR A 80 4.30 2.35 17.01
CA THR A 80 3.50 1.29 16.41
C THR A 80 2.91 0.40 17.49
N LEU A 81 3.73 -0.03 18.44
CA LEU A 81 3.24 -0.90 19.51
C LEU A 81 2.15 -0.24 20.32
N ALA A 82 2.32 1.04 20.64
CA ALA A 82 1.32 1.74 21.44
C ALA A 82 0.03 1.90 20.67
N THR A 83 0.13 2.28 19.39
CA THR A 83 -1.06 2.49 18.57
C THR A 83 -1.81 1.17 18.39
N ALA A 84 -1.07 0.10 18.06
CA ALA A 84 -1.73 -1.18 17.83
C ALA A 84 -2.45 -1.67 19.07
N SER A 85 -1.82 -1.51 20.24
CA SER A 85 -2.47 -1.90 21.48
C SER A 85 -3.78 -1.15 21.68
N ALA A 86 -3.77 0.16 21.44
CA ALA A 86 -4.97 0.94 21.65
C ALA A 86 -6.08 0.56 20.67
N ILE A 87 -5.74 0.32 19.40
CA ILE A 87 -6.72 -0.14 18.42
C ILE A 87 -7.37 -1.44 18.87
N LYS A 88 -6.54 -2.40 19.27
CA LYS A 88 -7.07 -3.72 19.60
C LYS A 88 -7.95 -3.68 20.83
N LEU A 89 -7.68 -2.76 21.75
CA LEU A 89 -8.53 -2.66 22.93
C LEU A 89 -9.92 -2.17 22.56
N LYS A 90 -10.05 -1.43 21.45
CA LYS A 90 -11.37 -0.96 21.00
C LYS A 90 -12.05 -1.97 20.08
N ASN A 91 -11.29 -2.66 19.25
CA ASN A 91 -11.80 -3.65 18.31
C ASN A 91 -10.73 -4.69 18.03
N ASN A 92 -10.80 -5.80 18.76
CA ASN A 92 -9.82 -6.88 18.51
CA ASN A 92 -9.82 -6.89 18.54
C ASN A 92 -9.89 -7.61 17.15
N LYS A 93 -10.99 -7.33 16.41
CA LYS A 93 -11.12 -7.95 15.11
C LYS A 93 -10.45 -7.15 14.00
N ALA A 94 -10.09 -5.88 14.25
CA ALA A 94 -9.37 -5.10 13.26
C ALA A 94 -7.98 -5.68 13.05
N LYS A 95 -7.55 -5.77 11.80
CA LYS A 95 -6.22 -6.27 11.47
C LYS A 95 -5.26 -5.10 11.30
N VAL A 96 -4.11 -5.17 11.97
CA VAL A 96 -3.13 -4.09 12.00
C VAL A 96 -1.83 -4.60 11.40
N LEU A 97 -1.35 -3.91 10.37
CA LEU A 97 -0.11 -4.27 9.70
C LEU A 97 1.00 -3.28 10.01
N TYR A 98 2.22 -3.79 10.11
CA TYR A 98 3.42 -2.99 10.31
C TYR A 98 4.09 -2.71 8.98
N TYR A 99 4.25 -1.42 8.66
CA TYR A 99 5.00 -1.03 7.45
C TYR A 99 6.46 -1.45 7.58
N ARG A 100 7.03 -1.99 6.52
CA ARG A 100 8.49 -2.13 6.47
C ARG A 100 8.98 -1.95 5.05
N ASN A 101 9.95 -1.08 4.86
CA ASN A 101 10.56 -0.86 3.55
C ASN A 101 11.70 -1.85 3.39
N VAL A 102 11.73 -2.58 2.28
CA VAL A 102 12.70 -3.65 2.10
C VAL A 102 14.09 -3.14 1.76
N VAL A 103 14.23 -1.89 1.29
CA VAL A 103 15.54 -1.39 0.91
C VAL A 103 15.87 0.02 1.37
N ILE A 104 14.91 0.89 1.63
CA ILE A 104 15.20 2.28 1.98
C ILE A 104 15.36 2.40 3.49
N ASN A 105 16.46 3.02 3.92
CA ASN A 105 16.77 3.23 5.35
C ASN A 105 16.21 4.57 5.80
N TRP A 106 14.87 4.63 5.93
CA TRP A 106 14.23 5.81 6.45
C TRP A 106 14.65 6.09 7.90
N GLY A 107 14.50 7.34 8.31
CA GLY A 107 14.70 7.69 9.70
C GLY A 107 13.57 7.25 10.61
N ASN A 108 13.79 7.46 11.89
CA ASN A 108 12.82 7.33 12.97
C ASN A 108 12.59 5.89 13.42
N TYR A 109 13.44 4.96 13.05
CA TYR A 109 13.48 3.63 13.65
C TYR A 109 14.65 3.58 14.62
N LYS A 110 14.39 3.50 15.92
CA LYS A 110 15.49 3.52 16.86
C LYS A 110 16.43 2.35 16.65
N ASN A 111 15.90 1.18 16.33
CA ASN A 111 16.77 0.02 16.21
C ASN A 111 17.60 0.10 14.95
N ASP A 112 17.03 0.68 13.88
CA ASP A 112 17.78 0.82 12.65
C ASP A 112 18.91 1.83 12.83
N ASP A 113 18.61 2.93 13.52
CA ASP A 113 19.64 3.95 13.74
C ASP A 113 20.81 3.34 14.51
N GLU A 114 20.51 2.53 15.54
CA GLU A 114 21.57 1.90 16.30
C GLU A 114 22.35 0.90 15.45
N PHE A 115 21.65 0.07 14.69
CA PHE A 115 22.29 -0.91 13.81
C PHE A 115 23.23 -0.26 12.80
N ILE A 116 22.76 0.79 12.13
CA ILE A 116 23.57 1.48 11.14
C ILE A 116 24.75 2.19 11.77
N SER A 117 24.57 2.78 12.96
CA SER A 117 25.67 3.44 13.65
C SER A 117 26.82 2.47 13.92
N LYS A 118 26.50 1.21 14.24
CA LYS A 118 27.52 0.21 14.53
C LYS A 118 28.04 -0.48 13.29
N ASN A 119 27.37 -0.31 12.16
CA ASN A 119 27.65 -1.06 10.94
C ASN A 119 27.48 -0.16 9.72
N PRO A 120 28.38 0.80 9.52
CA PRO A 120 28.29 1.65 8.32
C PRO A 120 28.33 0.84 7.05
N SER A 121 28.94 -0.34 7.04
CA SER A 121 28.99 -1.20 5.87
C SER A 121 27.63 -1.83 5.51
N ALA A 122 26.62 -1.65 6.35
CA ALA A 122 25.30 -2.21 6.07
C ALA A 122 24.56 -1.44 4.98
N LEU A 123 25.02 -0.25 4.63
CA LEU A 123 24.39 0.60 3.64
C LEU A 123 25.01 0.39 2.26
N LEU A 124 24.18 0.57 1.24
CA LEU A 124 24.59 0.33 -0.13
C LEU A 124 25.53 1.42 -0.63
N LYS A 125 26.64 0.99 -1.21
CA LYS A 125 27.67 1.87 -1.73
C LYS A 125 28.06 1.45 -3.13
N ASN A 126 28.51 2.43 -3.90
CA ASN A 126 28.97 2.21 -5.27
C ASN A 126 30.40 1.67 -5.28
N GLN A 127 30.99 1.55 -6.49
CA GLN A 127 32.31 0.96 -6.62
C GLN A 127 33.40 1.82 -6.02
N ASN A 128 33.16 3.13 -5.84
CA ASN A 128 34.04 4.01 -5.10
C ASN A 128 33.84 3.92 -3.61
N ASN A 129 32.96 3.03 -3.17
CA ASN A 129 32.57 2.88 -1.78
C ASN A 129 31.97 4.14 -1.19
N GLU A 130 31.23 4.88 -1.99
CA GLU A 130 30.45 5.98 -1.46
C GLU A 130 28.96 5.65 -1.51
N LEU A 131 28.25 6.22 -0.55
CA LEU A 131 26.84 5.95 -0.41
C LEU A 131 26.07 6.45 -1.62
N VAL A 132 25.04 5.69 -1.96
CA VAL A 132 24.05 6.10 -2.95
C VAL A 132 22.77 6.40 -2.19
N TYR A 133 21.98 7.32 -2.74
CA TYR A 133 20.86 7.87 -1.99
C TYR A 133 19.60 8.00 -2.82
N MET A 134 18.49 8.13 -2.11
CA MET A 134 17.23 8.61 -2.70
C MET A 134 17.37 10.06 -3.14
N PRO A 135 16.54 10.49 -4.08
CA PRO A 135 16.65 11.87 -4.56
C PRO A 135 16.45 12.87 -3.44
N ASN A 136 17.05 14.05 -3.62
CA ASN A 136 16.76 15.21 -2.80
C ASN A 136 17.02 14.94 -1.32
N GLY A 137 18.16 14.35 -1.03
CA GLY A 137 18.56 14.24 0.35
C GLY A 137 19.61 13.17 0.54
N SER A 138 19.69 12.73 1.78
CA SER A 138 20.69 11.78 2.19
C SER A 138 20.05 10.55 2.79
N THR A 139 18.87 10.13 2.30
CA THR A 139 18.29 8.86 2.74
C THR A 139 18.96 7.73 1.96
N PRO A 140 19.66 6.83 2.63
CA PRO A 140 20.38 5.76 1.94
C PRO A 140 19.58 4.46 1.90
N PHE A 141 20.23 3.38 1.46
CA PHE A 141 19.60 2.09 1.28
C PHE A 141 20.33 1.01 2.05
N PHE A 142 19.59 0.05 2.58
CA PHE A 142 20.21 -1.16 3.11
C PHE A 142 20.84 -1.96 1.99
N ASP A 143 22.03 -2.49 2.20
CA ASP A 143 22.63 -3.44 1.26
C ASP A 143 22.16 -4.83 1.62
N ILE A 144 21.03 -5.21 1.06
CA ILE A 144 20.38 -6.47 1.40
C ILE A 144 21.09 -7.67 0.80
N THR A 145 22.16 -7.44 0.02
CA THR A 145 22.96 -8.59 -0.41
C THR A 145 23.80 -9.19 0.72
N LYS A 146 23.95 -8.48 1.84
CA LYS A 146 24.78 -8.95 2.95
C LYS A 146 23.91 -9.75 3.91
N SER A 147 24.35 -10.95 4.23
CA SER A 147 23.52 -11.81 5.06
C SER A 147 23.20 -11.20 6.43
N PHE A 148 24.14 -10.47 7.04
CA PHE A 148 23.84 -9.89 8.35
C PHE A 148 22.80 -8.80 8.25
N VAL A 149 22.70 -8.14 7.10
CA VAL A 149 21.66 -7.15 6.87
C VAL A 149 20.32 -7.84 6.64
N GLN A 150 20.32 -8.91 5.85
CA GLN A 150 19.10 -9.71 5.68
C GLN A 150 18.55 -10.17 7.02
N GLU A 151 19.43 -10.68 7.89
CA GLU A 151 18.98 -11.22 9.16
C GLU A 151 18.45 -10.11 10.04
N TYR A 152 19.18 -8.98 10.10
CA TYR A 152 18.69 -7.82 10.85
C TYR A 152 17.28 -7.45 10.40
N TRP A 153 17.09 -7.32 9.09
CA TRP A 153 15.82 -6.84 8.54
C TRP A 153 14.71 -7.86 8.80
N LEU A 154 14.97 -9.12 8.50
CA LEU A 154 13.97 -10.16 8.71
C LEU A 154 13.53 -10.21 10.16
N LYS A 155 14.47 -10.22 11.08
CA LYS A 155 14.11 -10.27 12.49
C LYS A 155 13.35 -9.02 12.92
N SER A 156 13.68 -7.87 12.37
CA SER A 156 12.94 -6.66 12.75
C SER A 156 11.46 -6.82 12.40
N VAL A 157 11.17 -7.45 11.27
CA VAL A 157 9.78 -7.69 10.88
C VAL A 157 9.16 -8.79 11.72
N GLU A 158 9.83 -9.93 11.80
CA GLU A 158 9.29 -11.07 12.52
C GLU A 158 9.05 -10.75 13.98
N ASP A 159 10.01 -10.07 14.62
CA ASP A 159 9.86 -9.77 16.05
C ASP A 159 8.69 -8.82 16.27
N MET A 160 8.45 -7.88 15.35
CA MET A 160 7.34 -6.96 15.55
C MET A 160 6.01 -7.69 15.29
N VAL A 161 5.94 -8.52 14.23
CA VAL A 161 4.69 -9.24 13.95
C VAL A 161 4.37 -10.24 15.06
N ALA A 162 5.38 -10.73 15.77
CA ALA A 162 5.15 -11.71 16.81
C ALA A 162 4.47 -11.12 18.04
N THR A 163 4.43 -9.79 18.17
CA THR A 163 3.78 -9.15 19.31
C THR A 163 2.26 -9.26 19.20
N PRO A 164 1.53 -9.22 20.34
CA PRO A 164 0.13 -9.60 20.30
C PRO A 164 -0.84 -8.74 19.49
N ASN A 165 -0.49 -7.48 19.22
CA ASN A 165 -1.46 -6.58 18.59
C ASN A 165 -1.15 -6.27 17.14
N ILE A 166 -0.17 -6.93 16.54
CA ILE A 166 0.18 -6.76 15.15
C ILE A 166 -0.13 -8.07 14.44
N ASP A 167 -0.83 -7.98 13.30
CA ASP A 167 -1.29 -9.17 12.58
C ASP A 167 -0.45 -9.49 11.37
N GLY A 168 0.42 -8.60 10.94
CA GLY A 168 1.21 -8.85 9.75
C GLY A 168 1.99 -7.62 9.37
N THR A 169 2.47 -7.63 8.12
CA THR A 169 3.35 -6.61 7.65
C THR A 169 2.92 -6.15 6.26
N PHE A 170 3.22 -4.89 5.97
CA PHE A 170 3.09 -4.33 4.63
C PHE A 170 4.51 -4.04 4.16
N ILE A 171 4.93 -4.70 3.09
CA ILE A 171 6.26 -4.59 2.54
C ILE A 171 6.25 -3.60 1.39
N ASP A 172 7.08 -2.57 1.49
CA ASP A 172 7.19 -1.52 0.50
C ASP A 172 8.55 -1.55 -0.19
N ALA A 173 8.58 -0.97 -1.38
CA ALA A 173 9.74 -0.82 -2.27
C ALA A 173 10.13 -2.10 -2.98
N ASN A 174 9.25 -3.08 -3.01
CA ASN A 174 9.41 -4.21 -3.93
C ASN A 174 9.66 -3.73 -5.36
N ILE A 175 8.94 -2.71 -5.79
CA ILE A 175 9.03 -2.25 -7.17
C ILE A 175 10.40 -1.65 -7.44
N LYS A 176 10.97 -0.96 -6.45
CA LYS A 176 12.33 -0.42 -6.58
C LYS A 176 13.37 -1.52 -6.75
N VAL A 177 13.18 -2.66 -6.08
CA VAL A 177 14.07 -3.80 -6.30
C VAL A 177 13.88 -4.40 -7.67
N LEU A 178 12.65 -4.53 -8.12
CA LEU A 178 12.31 -5.38 -9.27
C LEU A 178 12.32 -4.66 -10.61
N VAL A 179 12.28 -3.33 -10.63
CA VAL A 179 12.48 -2.57 -11.87
C VAL A 179 13.99 -2.43 -12.04
N PRO A 180 14.63 -3.12 -12.98
CA PRO A 180 16.10 -3.22 -12.91
C PRO A 180 16.80 -1.88 -12.96
N SER A 181 16.29 -0.90 -13.70
CA SER A 181 16.98 0.37 -13.83
C SER A 181 17.06 1.14 -12.51
N PHE A 182 16.17 0.88 -11.55
CA PHE A 182 16.19 1.69 -10.34
C PHE A 182 17.54 1.57 -9.63
N PHE A 183 17.97 0.33 -9.34
CA PHE A 183 19.30 0.15 -8.76
C PHE A 183 20.40 0.05 -9.80
N SER A 184 20.13 -0.41 -11.02
CA SER A 184 21.26 -0.53 -11.94
C SER A 184 21.80 0.84 -12.29
N SER A 185 20.97 1.88 -12.29
CA SER A 185 21.44 3.24 -12.51
C SER A 185 22.27 3.80 -11.36
N LYS A 186 22.24 3.16 -10.20
CA LYS A 186 22.98 3.59 -9.03
C LYS A 186 24.21 2.74 -8.76
N VAL A 187 24.12 1.43 -8.95
CA VAL A 187 25.17 0.50 -8.54
C VAL A 187 25.50 -0.52 -9.62
N GLY A 188 24.90 -0.43 -10.80
CA GLY A 188 25.21 -1.28 -11.91
C GLY A 188 24.34 -2.53 -12.00
N VAL A 189 24.46 -3.19 -13.14
CA VAL A 189 23.65 -4.33 -13.47
C VAL A 189 23.94 -5.53 -12.56
N ASN A 190 25.21 -5.82 -12.30
CA ASN A 190 25.53 -6.98 -11.47
C ASN A 190 24.95 -6.85 -10.07
N LYS A 191 25.15 -5.69 -9.46
CA LYS A 191 24.67 -5.48 -8.10
C LYS A 191 23.15 -5.46 -8.06
N GLN A 192 22.48 -4.88 -9.07
CA GLN A 192 21.03 -4.96 -9.07
C GLN A 192 20.56 -6.41 -9.06
N ALA A 193 21.22 -7.27 -9.85
CA ALA A 193 20.79 -8.66 -9.92
C ALA A 193 20.99 -9.35 -8.57
N GLU A 194 22.05 -9.00 -7.84
CA GLU A 194 22.30 -9.58 -6.53
C GLU A 194 21.30 -9.07 -5.52
N ILE A 195 20.95 -7.78 -5.58
CA ILE A 195 19.90 -7.25 -4.72
C ILE A 195 18.60 -8.00 -4.95
N GLU A 196 18.24 -8.22 -6.21
CA GLU A 196 17.01 -8.95 -6.52
C GLU A 196 17.04 -10.38 -6.02
N ASN A 197 18.14 -11.10 -6.21
CA ASN A 197 18.24 -12.46 -5.67
C ASN A 197 18.03 -12.45 -4.15
N SER A 198 18.67 -11.52 -3.47
CA SER A 198 18.56 -11.46 -2.02
C SER A 198 17.14 -11.11 -1.59
N TYR A 199 16.50 -10.19 -2.32
CA TYR A 199 15.10 -9.85 -2.08
C TYR A 199 14.22 -11.09 -2.10
N PHE A 200 14.36 -11.92 -3.14
CA PHE A 200 13.50 -13.09 -3.19
C PHE A 200 13.80 -14.08 -2.08
N SER A 201 15.06 -14.22 -1.69
CA SER A 201 15.39 -15.05 -0.53
C SER A 201 14.69 -14.54 0.71
N MET A 202 14.69 -13.21 0.90
CA MET A 202 14.01 -12.61 2.06
C MET A 202 12.51 -12.83 2.00
N MET A 203 11.90 -12.65 0.83
CA MET A 203 10.45 -12.82 0.75
C MET A 203 10.07 -14.27 0.95
N SER A 204 10.90 -15.22 0.49
CA SER A 204 10.65 -16.63 0.75
C SER A 204 10.68 -16.92 2.24
N ARG A 205 11.63 -16.33 2.97
N ARG A 205 11.63 -16.32 2.96
CA ARG A 205 11.67 -16.57 4.40
CA ARG A 205 11.71 -16.52 4.40
C ARG A 205 10.45 -15.99 5.09
C ARG A 205 10.47 -15.98 5.09
N LEU A 206 10.07 -14.77 4.71
CA LEU A 206 8.85 -14.14 5.37
C LEU A 206 7.62 -14.95 5.01
N LYS A 207 7.52 -15.49 3.82
CA LYS A 207 6.35 -16.30 3.48
C LYS A 207 6.18 -17.47 4.44
N GLU A 208 7.29 -18.09 4.84
CA GLU A 208 7.25 -19.20 5.77
C GLU A 208 7.08 -18.71 7.22
N SER A 209 7.86 -17.73 7.64
CA SER A 209 7.81 -17.35 9.05
C SER A 209 6.52 -16.63 9.41
N LEU A 210 5.90 -15.96 8.45
CA LEU A 210 4.64 -15.25 8.65
C LEU A 210 3.45 -16.01 8.08
N SER A 211 3.55 -17.33 8.00
CA SER A 211 2.47 -18.12 7.40
C SER A 211 1.17 -18.10 8.20
N ASN A 212 1.21 -17.74 9.48
CA ASN A 212 0.01 -17.58 10.30
C ASN A 212 -0.35 -16.12 10.52
N ASN A 213 0.18 -15.24 9.67
CA ASN A 213 -0.01 -13.81 9.70
C ASN A 213 -0.32 -13.35 8.29
N LEU A 214 -0.43 -12.03 8.12
CA LEU A 214 -0.70 -11.43 6.83
C LEU A 214 0.54 -10.74 6.28
N ILE A 215 0.76 -10.91 4.99
CA ILE A 215 1.81 -10.20 4.26
C ILE A 215 1.16 -9.50 3.07
N LEU A 216 1.16 -8.18 3.11
CA LEU A 216 0.65 -7.34 2.02
C LEU A 216 1.84 -6.65 1.40
N ALA A 217 1.92 -6.59 0.07
CA ALA A 217 3.06 -5.97 -0.58
C ALA A 217 2.60 -4.94 -1.61
N ASN A 218 3.36 -3.86 -1.73
CA ASN A 218 3.14 -2.87 -2.81
C ASN A 218 3.75 -3.43 -4.08
N ILE A 219 2.92 -4.08 -4.91
CA ILE A 219 3.40 -4.87 -6.04
C ILE A 219 2.76 -4.52 -7.38
N ILE A 220 1.45 -4.39 -7.43
CA ILE A 220 0.79 -4.22 -8.73
C ILE A 220 0.92 -2.78 -9.18
N ARG A 221 1.55 -2.60 -10.35
CA ARG A 221 1.75 -1.28 -10.96
C ARG A 221 2.05 -1.54 -12.42
N VAL A 222 1.36 -0.83 -13.30
CA VAL A 222 1.58 -1.02 -14.74
C VAL A 222 2.99 -0.55 -15.08
N ARG A 223 3.79 -1.46 -15.67
CA ARG A 223 5.23 -1.23 -15.94
C ARG A 223 5.56 -1.98 -17.22
N PRO A 224 6.36 -1.40 -18.13
CA PRO A 224 6.82 -2.19 -19.28
C PRO A 224 7.75 -3.31 -18.90
N GLU A 225 8.45 -3.19 -17.76
CA GLU A 225 9.38 -4.25 -17.36
C GLU A 225 8.69 -5.46 -16.78
N PHE A 226 7.42 -5.36 -16.41
CA PHE A 226 6.69 -6.45 -15.75
C PHE A 226 5.67 -6.98 -16.76
N GLU A 227 5.90 -8.19 -17.27
CA GLU A 227 4.99 -8.76 -18.25
C GLU A 227 3.55 -8.82 -17.74
N GLU A 228 3.39 -9.11 -16.45
CA GLU A 228 2.05 -9.19 -15.86
C GLU A 228 1.78 -8.07 -14.86
N ASN A 229 2.52 -6.96 -14.94
CA ASN A 229 2.25 -5.76 -14.12
C ASN A 229 2.24 -6.03 -12.61
N GLY A 230 3.05 -7.00 -12.20
CA GLY A 230 3.28 -7.32 -10.81
C GLY A 230 2.62 -8.61 -10.38
N LEU A 231 1.64 -9.09 -11.13
CA LEU A 231 0.97 -10.33 -10.75
C LEU A 231 1.93 -11.50 -10.63
N GLU A 232 3.03 -11.47 -11.41
CA GLU A 232 3.99 -12.57 -11.40
C GLU A 232 4.74 -12.68 -10.08
N TYR A 233 4.61 -11.70 -9.18
CA TYR A 233 5.27 -11.74 -7.89
C TYR A 233 4.32 -12.04 -6.73
N LEU A 234 3.02 -12.25 -6.99
CA LEU A 234 2.07 -12.32 -5.88
C LEU A 234 2.10 -13.63 -5.13
N GLY A 235 2.79 -14.66 -5.62
CA GLY A 235 2.84 -15.91 -4.89
C GLY A 235 3.48 -15.79 -3.53
N TYR A 236 4.29 -14.75 -3.30
CA TYR A 236 4.94 -14.55 -2.03
C TYR A 236 4.02 -13.99 -0.97
N PHE A 237 2.86 -13.45 -1.35
CA PHE A 237 2.13 -12.54 -0.49
C PHE A 237 0.67 -12.95 -0.39
N ASN A 238 -0.01 -12.45 0.65
CA ASN A 238 -1.46 -12.62 0.74
C ASN A 238 -2.23 -11.64 -0.12
N GLY A 239 -1.57 -10.57 -0.58
CA GLY A 239 -2.25 -9.64 -1.47
C GLY A 239 -1.35 -8.49 -1.84
N SER A 240 -1.93 -7.57 -2.61
CA SER A 240 -1.22 -6.39 -3.06
C SER A 240 -1.92 -5.13 -2.62
N TYR A 241 -1.11 -4.17 -2.20
CA TYR A 241 -1.48 -2.77 -2.09
C TYR A 241 -1.17 -2.16 -3.48
N LEU A 242 -1.93 -1.15 -3.83
CA LEU A 242 -1.74 -0.41 -5.09
C LEU A 242 -1.64 1.07 -4.80
N GLU A 243 -0.68 1.71 -5.46
CA GLU A 243 -0.60 3.17 -5.54
C GLU A 243 -0.21 3.57 -6.95
N GLY A 244 -0.37 4.85 -7.25
CA GLY A 244 -0.10 5.33 -8.59
C GLY A 244 -1.03 4.79 -9.65
N PHE A 245 -2.19 4.29 -9.24
CA PHE A 245 -3.07 3.56 -10.16
C PHE A 245 -3.54 4.45 -11.30
N ASP A 246 -3.75 5.72 -11.00
CA ASP A 246 -4.19 6.71 -11.96
C ASP A 246 -3.06 7.62 -12.40
N SER A 247 -1.80 7.19 -12.24
CA SER A 247 -0.63 8.04 -12.50
C SER A 247 0.24 7.42 -13.58
N GLU A 248 -0.04 7.82 -14.82
CA GLU A 248 0.53 7.18 -15.99
C GLU A 248 1.98 7.60 -16.21
N ALA A 249 2.67 6.80 -17.01
CA ALA A 249 4.03 7.05 -17.45
C ALA A 249 4.23 6.31 -18.78
N PHE A 250 5.45 6.32 -19.29
CA PHE A 250 5.83 5.51 -20.44
C PHE A 250 5.13 5.97 -21.69
N GLY A 251 4.68 7.21 -21.74
CA GLY A 251 3.96 7.73 -22.88
C GLY A 251 2.53 7.31 -22.97
N MET A 252 2.06 6.48 -22.03
CA MET A 252 0.66 6.08 -22.04
C MET A 252 -0.28 7.20 -21.66
N SER A 253 -1.46 7.17 -22.26
CA SER A 253 -2.51 8.06 -21.82
C SER A 253 -3.00 7.61 -20.45
N ASN A 254 -3.59 8.55 -19.72
CA ASN A 254 -4.19 8.22 -18.44
C ASN A 254 -5.22 7.11 -18.58
N ALA A 255 -6.08 7.17 -19.60
CA ALA A 255 -7.11 6.15 -19.78
C ALA A 255 -6.50 4.78 -20.05
N GLU A 256 -5.51 4.71 -20.94
CA GLU A 256 -4.88 3.43 -21.24
C GLU A 256 -4.17 2.86 -20.02
N TYR A 257 -3.56 3.74 -19.21
CA TYR A 257 -2.88 3.27 -18.00
C TYR A 257 -3.86 2.63 -17.04
N LEU A 258 -5.03 3.25 -16.87
CA LEU A 258 -6.07 2.70 -16.01
C LEU A 258 -6.68 1.44 -16.60
N VAL A 259 -6.89 1.38 -17.91
CA VAL A 259 -7.38 0.14 -18.52
C VAL A 259 -6.48 -1.02 -18.11
N GLU A 260 -5.17 -0.83 -18.22
CA GLU A 260 -4.26 -1.92 -17.94
C GLU A 260 -4.21 -2.26 -16.45
N GLY A 261 -4.27 -1.25 -15.60
CA GLY A 261 -4.28 -1.55 -14.17
C GLY A 261 -5.54 -2.23 -13.72
N ILE A 262 -6.68 -1.85 -14.30
CA ILE A 262 -7.94 -2.50 -13.99
C ILE A 262 -7.86 -3.97 -14.31
N GLU A 263 -7.32 -4.31 -15.48
CA GLU A 263 -7.25 -5.71 -15.86
C GLU A 263 -6.41 -6.51 -14.88
N ALA A 264 -5.26 -5.97 -14.47
CA ALA A 264 -4.38 -6.68 -13.54
C ALA A 264 -5.07 -6.86 -12.19
N THR A 265 -5.74 -5.81 -11.70
CA THR A 265 -6.36 -5.86 -10.39
C THR A 265 -7.53 -6.84 -10.38
N GLN A 266 -8.35 -6.85 -11.42
CA GLN A 266 -9.41 -7.84 -11.55
C GLN A 266 -8.86 -9.25 -11.46
N LYS A 267 -7.76 -9.52 -12.17
CA LYS A 267 -7.19 -10.86 -12.13
C LYS A 267 -6.72 -11.22 -10.73
N ALA A 268 -6.04 -10.30 -10.06
CA ALA A 268 -5.55 -10.58 -8.72
C ALA A 268 -6.69 -10.79 -7.75
N ALA A 269 -7.68 -9.90 -7.77
CA ALA A 269 -8.81 -10.02 -6.86
C ALA A 269 -9.58 -11.31 -7.09
N GLN A 270 -9.79 -11.67 -8.36
CA GLN A 270 -10.54 -12.89 -8.67
C GLN A 270 -9.79 -14.14 -8.26
N SER A 271 -8.47 -14.04 -8.10
CA SER A 271 -7.69 -15.18 -7.64
C SER A 271 -7.71 -15.33 -6.12
N GLY A 272 -8.35 -14.42 -5.40
CA GLY A 272 -8.48 -14.52 -3.96
C GLY A 272 -7.43 -13.76 -3.17
N LYS A 273 -6.63 -12.94 -3.83
CA LYS A 273 -5.65 -12.11 -3.15
C LYS A 273 -6.34 -10.91 -2.51
N ILE A 274 -5.87 -10.52 -1.34
CA ILE A 274 -6.28 -9.24 -0.76
C ILE A 274 -5.82 -8.12 -1.69
N ILE A 275 -6.68 -7.12 -1.86
CA ILE A 275 -6.35 -5.91 -2.61
C ILE A 275 -6.62 -4.73 -1.72
N THR A 276 -5.64 -3.87 -1.55
CA THR A 276 -5.84 -2.60 -0.83
C THR A 276 -5.51 -1.47 -1.80
N MET A 277 -6.55 -0.95 -2.45
CA MET A 277 -6.36 0.01 -3.52
C MET A 277 -6.38 1.40 -2.89
N THR A 278 -5.25 2.07 -2.88
CA THR A 278 -5.20 3.47 -2.49
C THR A 278 -5.45 4.29 -3.76
N LEU A 279 -6.21 5.38 -3.61
CA LEU A 279 -6.47 6.30 -4.71
C LEU A 279 -6.42 7.71 -4.15
N GLY A 280 -5.53 8.53 -4.67
CA GLY A 280 -5.41 9.89 -4.19
C GLY A 280 -6.52 10.80 -4.68
N LEU A 281 -7.22 11.43 -3.76
CA LEU A 281 -8.22 12.42 -4.11
C LEU A 281 -7.58 13.61 -4.80
N GLY A 282 -6.40 14.05 -4.33
CA GLY A 282 -5.72 15.16 -4.95
C GLY A 282 -4.98 14.71 -6.20
N GLU A 283 -4.57 15.69 -6.98
CA GLU A 283 -3.90 15.40 -8.25
C GLU A 283 -2.51 14.83 -8.02
N ALA A 284 -2.03 14.02 -8.97
CA ALA A 284 -0.67 13.54 -8.90
C ALA A 284 0.31 14.70 -9.07
N ILE A 285 1.34 14.73 -8.22
CA ILE A 285 2.52 15.56 -8.51
C ILE A 285 3.17 15.02 -9.77
N ASP A 286 3.67 15.92 -10.63
CA ASP A 286 4.38 15.51 -11.83
C ASP A 286 5.42 14.43 -11.52
N ASN A 287 5.28 13.31 -12.22
CA ASN A 287 6.10 12.11 -12.00
C ASN A 287 5.97 11.23 -13.23
N ASN A 288 7.08 11.04 -13.95
CA ASN A 288 7.08 10.22 -15.16
C ASN A 288 7.89 8.94 -14.95
N THR A 289 8.04 8.51 -13.70
CA THR A 289 8.88 7.38 -13.38
C THR A 289 8.10 6.07 -13.27
N GLY A 290 6.78 6.15 -13.09
CA GLY A 290 6.01 4.95 -12.84
C GLY A 290 6.25 4.30 -11.51
N ILE A 291 6.80 5.05 -10.55
CA ILE A 291 7.06 4.56 -9.19
C ILE A 291 6.57 5.66 -8.24
N ASP A 292 6.11 5.25 -7.06
CA ASP A 292 5.62 6.17 -6.02
C ASP A 292 4.31 6.82 -6.42
N ASP A 293 3.74 7.65 -5.56
CA ASP A 293 2.46 8.30 -5.87
C ASP A 293 2.24 9.53 -4.98
N GLN A 294 3.19 10.44 -5.01
CA GLN A 294 3.04 11.68 -4.26
C GLN A 294 1.92 12.50 -4.88
N ARG A 295 1.04 13.03 -4.04
CA ARG A 295 -0.12 13.78 -4.51
C ARG A 295 -0.08 15.22 -3.99
N GLU A 296 -0.64 16.12 -4.78
CA GLU A 296 -0.96 17.46 -4.29
C GLU A 296 -2.08 17.38 -3.25
N ASP A 297 -2.07 18.34 -2.34
CA ASP A 297 -3.17 18.42 -1.37
C ASP A 297 -4.49 18.57 -2.10
N VAL A 298 -5.52 17.89 -1.64
CA VAL A 298 -6.82 18.02 -2.31
C VAL A 298 -7.33 19.44 -2.08
N ASP A 299 -7.95 20.01 -3.12
CA ASP A 299 -8.40 21.38 -3.16
C ASP A 299 -9.63 21.46 -4.05
N LEU A 300 -10.72 20.90 -3.57
CA LEU A 300 -11.95 20.76 -4.35
C LEU A 300 -13.11 21.33 -3.56
N ASN A 301 -14.04 21.98 -4.24
CA ASN A 301 -15.30 22.36 -3.58
C ASN A 301 -16.14 21.11 -3.32
N ASP A 302 -17.27 21.28 -2.63
CA ASP A 302 -18.02 20.10 -2.18
C ASP A 302 -18.55 19.28 -3.35
N GLU A 303 -19.02 19.96 -4.38
CA GLU A 303 -19.58 19.26 -5.54
C GLU A 303 -18.48 18.49 -6.27
N GLU A 304 -17.33 19.13 -6.47
CA GLU A 304 -16.22 18.48 -7.16
C GLU A 304 -15.66 17.33 -6.33
N LEU A 305 -15.62 17.50 -5.00
CA LEU A 305 -15.12 16.41 -4.16
C LEU A 305 -16.02 15.19 -4.28
N ASN A 306 -17.34 15.41 -4.27
CA ASN A 306 -18.25 14.27 -4.41
C ASN A 306 -18.09 13.59 -5.77
N LYS A 307 -17.85 14.37 -6.84
CA LYS A 307 -17.62 13.76 -8.15
C LYS A 307 -16.35 12.95 -8.16
N ARG A 308 -15.29 13.44 -7.49
CA ARG A 308 -14.02 12.71 -7.42
C ARG A 308 -14.18 11.43 -6.63
N VAL A 309 -14.92 11.48 -5.51
CA VAL A 309 -15.19 10.28 -4.73
C VAL A 309 -15.93 9.25 -5.60
N ASP A 310 -16.98 9.68 -6.29
CA ASP A 310 -17.73 8.76 -7.15
C ASP A 310 -16.84 8.12 -8.20
N TYR A 311 -15.98 8.93 -8.83
CA TYR A 311 -15.08 8.43 -9.87
C TYR A 311 -14.11 7.40 -9.34
N LEU A 312 -13.43 7.72 -8.24
CA LEU A 312 -12.45 6.80 -7.69
C LEU A 312 -13.11 5.55 -7.15
N LEU A 313 -14.25 5.67 -6.46
CA LEU A 313 -14.95 4.47 -6.02
C LEU A 313 -15.38 3.62 -7.19
N ALA A 314 -15.80 4.23 -8.29
CA ALA A 314 -16.19 3.47 -9.45
C ALA A 314 -15.02 2.65 -9.99
N ILE A 315 -13.84 3.25 -10.09
CA ILE A 315 -12.65 2.52 -10.51
C ILE A 315 -12.45 1.30 -9.62
N PHE A 316 -12.48 1.51 -8.30
CA PHE A 316 -12.32 0.41 -7.36
C PHE A 316 -13.37 -0.66 -7.58
N LEU A 317 -14.63 -0.25 -7.65
CA LEU A 317 -15.72 -1.22 -7.72
C LEU A 317 -15.74 -2.02 -9.02
N ILE A 318 -15.20 -1.48 -10.11
CA ILE A 318 -15.03 -2.24 -11.34
C ILE A 318 -14.08 -3.40 -11.14
N CYS A 319 -13.18 -3.33 -10.17
CA CYS A 319 -12.17 -4.38 -9.92
C CYS A 319 -12.47 -5.28 -8.73
N ALA A 320 -13.22 -4.80 -7.76
CA ALA A 320 -13.31 -5.44 -6.43
C ALA A 320 -13.86 -6.87 -6.34
N GLU A 321 -13.30 -7.66 -5.48
CA GLU A 321 -13.86 -8.98 -5.14
C GLU A 321 -13.81 -9.05 -3.63
N LYS A 322 -14.21 -10.17 -3.04
CA LYS A 322 -14.05 -10.38 -1.62
C LYS A 322 -12.60 -10.12 -1.25
N TYR A 323 -12.41 -9.38 -0.15
CA TYR A 323 -11.11 -9.00 0.38
C TYR A 323 -10.42 -7.89 -0.42
N SER A 324 -11.20 -7.14 -1.19
CA SER A 324 -10.76 -5.88 -1.78
C SER A 324 -11.25 -4.72 -0.91
N TYR A 325 -10.36 -3.76 -0.65
CA TYR A 325 -10.64 -2.65 0.22
C TYR A 325 -10.06 -1.38 -0.42
N VAL A 326 -10.74 -0.24 -0.22
CA VAL A 326 -10.36 1.00 -0.90
C VAL A 326 -10.01 2.07 0.13
N TYR A 327 -9.06 2.92 -0.23
CA TYR A 327 -8.74 4.09 0.57
C TYR A 327 -8.58 5.30 -0.33
N LEU A 328 -9.57 6.18 -0.28
CA LEU A 328 -9.52 7.48 -0.95
C LEU A 328 -8.91 8.48 0.03
N HIS A 329 -7.73 8.98 -0.28
CA HIS A 329 -6.95 9.69 0.71
C HIS A 329 -6.50 11.04 0.23
N ASP A 330 -6.17 11.88 1.20
CA ASP A 330 -5.49 13.15 1.00
C ASP A 330 -4.11 13.06 1.67
N GLY A 331 -3.32 12.07 1.25
CA GLY A 331 -2.05 11.79 1.89
C GLY A 331 -2.22 10.93 3.11
N TYR A 332 -1.11 10.39 3.60
CA TYR A 332 -1.12 9.43 4.68
C TYR A 332 -0.83 10.05 6.03
N LEU A 333 -0.52 11.33 6.08
CA LEU A 333 -0.30 12.02 7.36
C LEU A 333 -1.63 12.57 7.87
N ALA A 334 -2.08 12.03 8.99
CA ALA A 334 -3.44 12.33 9.47
C ALA A 334 -3.67 13.82 9.60
N THR A 335 -2.69 14.55 10.13
CA THR A 335 -2.84 15.95 10.47
C THR A 335 -2.79 16.88 9.27
N ASN A 336 -2.49 16.36 8.08
CA ASN A 336 -2.48 17.17 6.87
C ASN A 336 -3.52 16.74 5.87
N SER A 337 -4.49 15.91 6.29
CA SER A 337 -5.46 15.32 5.39
C SER A 337 -6.83 15.94 5.61
N ALA A 338 -7.45 16.37 4.53
CA ALA A 338 -8.79 16.94 4.61
C ALA A 338 -9.86 15.90 4.87
N VAL A 339 -9.58 14.61 4.70
CA VAL A 339 -10.58 13.55 4.87
C VAL A 339 -10.34 12.71 6.11
N TRP A 340 -9.28 12.97 6.86
CA TRP A 340 -9.06 12.26 8.12
C TRP A 340 -10.25 12.50 9.03
N LEU A 341 -10.73 11.41 9.64
CA LEU A 341 -11.90 11.38 10.52
C LEU A 341 -13.22 11.56 9.78
N HIS A 342 -13.24 11.63 8.45
CA HIS A 342 -14.46 11.94 7.72
C HIS A 342 -15.02 10.68 7.08
N GLN A 343 -16.33 10.53 7.10
CA GLN A 343 -17.00 9.43 6.41
C GLN A 343 -17.87 10.01 5.30
N PHE A 344 -17.51 9.70 4.05
CA PHE A 344 -18.33 10.11 2.91
C PHE A 344 -19.66 9.38 2.93
N ASP A 345 -20.70 10.03 2.39
CA ASP A 345 -22.02 9.40 2.31
C ASP A 345 -21.94 8.10 1.51
N GLN A 346 -21.06 8.06 0.50
CA GLN A 346 -20.88 6.88 -0.33
C GLN A 346 -20.36 5.68 0.44
N TYR A 347 -19.82 5.89 1.65
CA TYR A 347 -19.36 4.81 2.48
C TYR A 347 -20.47 4.25 3.37
N LYS A 348 -21.58 4.94 3.49
CA LYS A 348 -22.67 4.55 4.37
C LYS A 348 -23.81 3.89 3.63
N LYS A 349 -23.93 4.11 2.33
CA LYS A 349 -25.04 3.61 1.55
C LYS A 349 -24.88 2.11 1.31
N ALA A 350 -26.00 1.41 1.21
CA ALA A 350 -25.97 -0.03 0.94
C ALA A 350 -25.31 -0.32 -0.40
N LEU A 351 -24.38 -1.29 -0.39
CA LEU A 351 -23.63 -1.66 -1.59
C LEU A 351 -24.13 -3.02 -2.07
N GLY A 352 -23.90 -4.08 -1.29
CA GLY A 352 -24.31 -5.41 -1.66
C GLY A 352 -23.30 -6.11 -2.55
N ALA A 353 -23.53 -7.41 -2.73
CA ALA A 353 -22.54 -8.19 -3.46
C ALA A 353 -22.60 -7.90 -4.95
N PRO A 354 -21.48 -8.07 -5.65
CA PRO A 354 -21.53 -7.94 -7.13
C PRO A 354 -22.43 -9.00 -7.72
N LEU A 355 -23.18 -8.62 -8.74
CA LEU A 355 -24.04 -9.55 -9.46
C LEU A 355 -23.35 -10.15 -10.68
N GLY A 356 -22.16 -9.68 -11.00
CA GLY A 356 -21.40 -10.18 -12.13
C GLY A 356 -20.14 -9.36 -12.26
N LYS A 357 -19.25 -9.81 -13.13
CA LYS A 357 -18.05 -9.05 -13.42
C LYS A 357 -18.40 -7.76 -14.14
N ALA A 358 -17.47 -6.84 -14.12
CA ALA A 358 -17.61 -5.62 -14.87
C ALA A 358 -17.70 -5.90 -16.36
N ILE A 359 -18.40 -5.04 -17.07
CA ILE A 359 -18.50 -5.03 -18.53
C ILE A 359 -17.68 -3.86 -19.05
N LYS A 360 -16.74 -4.15 -19.94
CA LYS A 360 -15.89 -3.13 -20.54
C LYS A 360 -16.40 -2.80 -21.94
N ASN A 361 -16.63 -1.52 -22.18
CA ASN A 361 -17.09 -0.97 -23.46
C ASN A 361 -16.11 0.15 -23.82
N GLY A 362 -14.99 -0.22 -24.43
CA GLY A 362 -13.98 0.79 -24.69
C GLY A 362 -13.39 1.32 -23.41
N TYR A 363 -13.51 2.62 -23.18
CA TYR A 363 -13.06 3.24 -21.95
C TYR A 363 -14.19 3.35 -20.93
N ILE A 364 -15.37 2.85 -21.22
CA ILE A 364 -16.51 2.85 -20.31
C ILE A 364 -16.62 1.48 -19.69
N TYR A 365 -16.87 1.43 -18.38
CA TYR A 365 -17.12 0.18 -17.67
C TYR A 365 -18.42 0.31 -16.88
N THR A 366 -19.14 -0.79 -16.77
CA THR A 366 -20.30 -0.86 -15.89
C THR A 366 -20.21 -2.11 -15.01
N ARG A 367 -20.87 -2.04 -13.86
CA ARG A 367 -20.98 -3.22 -13.02
C ARG A 367 -22.20 -3.08 -12.13
N LYS A 368 -22.88 -4.19 -11.91
CA LYS A 368 -24.05 -4.26 -11.04
C LYS A 368 -23.71 -4.94 -9.72
N PHE A 369 -24.13 -4.30 -8.63
CA PHE A 369 -24.13 -4.85 -7.27
C PHE A 369 -25.57 -4.93 -6.79
N GLU A 370 -25.82 -5.65 -5.71
CA GLU A 370 -27.19 -5.83 -5.27
C GLU A 370 -27.92 -4.51 -5.12
N ASN A 371 -27.23 -3.50 -4.61
CA ASN A 371 -27.85 -2.22 -4.27
C ASN A 371 -27.23 -1.03 -4.98
N LEU A 372 -26.45 -1.27 -6.03
CA LEU A 372 -25.75 -0.19 -6.70
C LEU A 372 -25.43 -0.58 -8.13
N ASP A 373 -25.60 0.38 -9.05
CA ASP A 373 -25.12 0.27 -10.44
C ASP A 373 -24.01 1.28 -10.63
N VAL A 374 -22.89 0.82 -11.16
CA VAL A 374 -21.69 1.61 -11.39
C VAL A 374 -21.56 1.87 -12.88
N TRP A 375 -21.30 3.13 -13.24
CA TRP A 375 -20.94 3.51 -14.60
C TRP A 375 -19.69 4.36 -14.51
N LEU A 376 -18.68 4.03 -15.31
CA LEU A 376 -17.37 4.67 -15.26
C LEU A 376 -16.93 5.00 -16.67
N ASN A 377 -16.46 6.22 -16.90
CA ASN A 377 -15.90 6.61 -18.20
C ASN A 377 -14.49 7.15 -17.97
N LEU A 378 -13.49 6.36 -18.31
CA LEU A 378 -12.10 6.78 -18.13
C LEU A 378 -11.73 7.93 -19.06
N GLU A 379 -12.39 8.04 -20.21
CA GLU A 379 -12.00 9.03 -21.20
C GLU A 379 -12.39 10.44 -20.75
N THR A 380 -13.56 10.60 -20.15
CA THR A 380 -14.00 11.87 -19.59
C THR A 380 -13.64 12.03 -18.11
N GLN A 381 -13.14 10.97 -17.48
CA GLN A 381 -12.80 10.95 -16.05
C GLN A 381 -14.02 11.28 -15.19
N THR A 382 -15.12 10.60 -15.50
CA THR A 382 -16.38 10.76 -14.76
C THR A 382 -16.98 9.41 -14.45
N ALA A 383 -17.90 9.40 -13.48
CA ALA A 383 -18.61 8.18 -13.12
C ALA A 383 -19.95 8.55 -12.53
N THR A 384 -20.85 7.58 -12.52
CA THR A 384 -22.10 7.71 -11.79
C THR A 384 -22.28 6.49 -10.92
N LEU A 385 -22.70 6.71 -9.69
CA LEU A 385 -23.07 5.66 -8.75
C LEU A 385 -24.58 5.79 -8.53
N THR A 386 -25.35 4.83 -9.03
CA THR A 386 -26.80 4.86 -8.94
C THR A 386 -27.20 3.89 -7.83
N TRP A 387 -27.52 4.43 -6.66
CA TRP A 387 -27.81 3.64 -5.47
C TRP A 387 -29.28 3.23 -5.48
N LYS A 388 -29.53 1.93 -5.32
CA LYS A 388 -30.89 1.37 -5.47
C LYS A 388 -31.64 1.44 -4.14
#